data_5F7V
#
_entry.id   5F7V
#
_cell.length_a   49.034
_cell.length_b   37.639
_cell.length_c   90.426
_cell.angle_alpha   90.00
_cell.angle_beta   93.21
_cell.angle_gamma   90.00
#
_symmetry.space_group_name_H-M   'P 1 21 1'
#
loop_
_entity.id
_entity.type
_entity.pdbx_description
1 polymer 'Lmo0181 protein'
2 branched 'Cyclic alpha-D-glucopyranose-(1-3)-alpha-D-glucopyranose-(1-6)-alpha-D-glucopyranose-(1-3)-alpha-D-glucopyranose'
3 water water
#
_entity_poly.entity_id   1
_entity_poly.type   'polypeptide(L)'
_entity_poly.pdbx_seq_one_letter_code
;SMCGGGSSSGDKTEITYYQFSAPADGKALDEMVKEFEKQNPDIKVNVQTIAFNDYFTKLQTQIAGGDAPDAFELNYETFM
QYAEKGVLADLTSYIEKDKDFDPSTLNKQAYDAFKYDGKQYGMVESFSNVVTIYNKDLFDKAGVEYPTADWTWKDEEAAA
KKLTDAKNKVWGTSQPVTMNEFYKVAAQNGGSIFNEDLTETTINSPENVEALTHLTNEVTDSKVAPSPADLSGQLPEDLF
MNGQIAMLHTGIWLFDMFQDAPFKWDVQVEAGNTQKATHFFANGIGVSKDSDKKEAAFKFASFMSANEEAAKIRIDNNWE
LPATENKEILQPYLDATPPDNREAVFESLQYMVLPPVVKDWNKISDYTNSEFEKVLNGDSTPEKALKNSEDNINKTMGFK
;
_entity_poly.pdbx_strand_id   A
#
loop_
_chem_comp.id
_chem_comp.type
_chem_comp.name
_chem_comp.formula
GLC D-saccharide, alpha linking alpha-D-glucopyranose 'C6 H12 O6'
#
# COMPACT_ATOMS: atom_id res chain seq x y z
N ASP A 11 5.82 -34.45 16.01
CA ASP A 11 5.71 -33.77 17.35
C ASP A 11 5.56 -32.25 17.16
N LYS A 12 6.64 -31.51 17.39
CA LYS A 12 6.63 -30.04 17.34
C LYS A 12 7.15 -29.59 15.98
N THR A 13 6.59 -28.51 15.47
CA THR A 13 6.95 -28.00 14.17
C THR A 13 7.32 -26.55 14.35
N GLU A 14 8.45 -26.11 13.80
CA GLU A 14 8.83 -24.71 13.82
C GLU A 14 8.79 -24.19 12.38
N ILE A 15 8.00 -23.16 12.16
CA ILE A 15 7.93 -22.56 10.83
C ILE A 15 8.59 -21.19 10.87
N THR A 16 9.07 -20.75 9.72
CA THR A 16 9.52 -19.38 9.52
C THR A 16 8.46 -18.56 8.80
N TYR A 17 8.31 -17.31 9.24
CA TYR A 17 7.39 -16.32 8.63
C TYR A 17 8.19 -15.07 8.36
N TYR A 18 8.26 -14.68 7.09
CA TYR A 18 9.01 -13.50 6.63
C TYR A 18 7.96 -12.44 6.32
N GLN A 19 8.13 -11.23 6.84
CA GLN A 19 7.11 -10.18 6.63
C GLN A 19 7.69 -8.78 6.68
N PHE A 20 6.87 -7.83 6.25
CA PHE A 20 7.18 -6.41 6.23
C PHE A 20 6.19 -5.50 6.89
N SER A 21 4.91 -5.87 6.97
CA SER A 21 3.92 -4.83 7.28
C SER A 21 3.80 -4.44 8.74
N ALA A 22 4.23 -5.32 9.65
CA ALA A 22 4.36 -4.98 11.06
C ALA A 22 5.77 -4.41 11.30
N PRO A 23 5.85 -3.40 12.17
CA PRO A 23 7.21 -3.08 12.68
C PRO A 23 7.89 -4.29 13.36
N GLY A 26 6.72 -4.04 16.81
CA GLY A 26 6.29 -5.44 16.70
C GLY A 26 5.13 -5.84 17.60
N LYS A 27 4.51 -4.85 18.26
CA LYS A 27 3.51 -5.13 19.27
C LYS A 27 2.38 -6.05 18.79
N ALA A 28 1.66 -5.60 17.77
CA ALA A 28 0.50 -6.35 17.31
C ALA A 28 0.89 -7.72 16.77
N LEU A 29 1.95 -7.79 15.99
CA LEU A 29 2.30 -9.08 15.40
C LEU A 29 2.76 -10.05 16.48
N ASP A 30 3.55 -9.58 17.43
CA ASP A 30 3.98 -10.45 18.53
C ASP A 30 2.78 -11.02 19.31
N GLU A 31 1.76 -10.21 19.57
CA GLU A 31 0.58 -10.67 20.24
C GLU A 31 -0.18 -11.69 19.39
N MET A 32 -0.27 -11.48 18.08
CA MET A 32 -0.88 -12.50 17.22
C MET A 32 -0.12 -13.82 17.26
N VAL A 33 1.19 -13.77 17.23
CA VAL A 33 2.00 -15.00 17.31
C VAL A 33 1.76 -15.72 18.64
N LYS A 34 1.75 -14.97 19.74
CA LYS A 34 1.49 -15.56 21.04
C LYS A 34 0.13 -16.27 21.07
N GLU A 35 -0.88 -15.61 20.53
CA GLU A 35 -2.23 -16.18 20.51
C GLU A 35 -2.30 -17.43 19.60
N PHE A 36 -1.62 -17.36 18.47
CA PHE A 36 -1.54 -18.49 17.57
C PHE A 36 -0.89 -19.69 18.24
N GLU A 37 0.20 -19.43 18.94
CA GLU A 37 0.96 -20.49 19.63
C GLU A 37 0.15 -21.07 20.78
N LYS A 38 -0.64 -20.24 21.45
CA LYS A 38 -1.51 -20.75 22.49
C LYS A 38 -2.55 -21.74 21.96
N GLN A 39 -3.15 -21.34 20.85
CA GLN A 39 -4.19 -22.13 20.19
C GLN A 39 -3.63 -23.28 19.35
N ASN A 40 -2.33 -23.28 19.08
CA ASN A 40 -1.71 -24.35 18.27
C ASN A 40 -0.41 -24.78 18.97
N PRO A 41 -0.54 -25.55 20.06
CA PRO A 41 0.65 -25.79 20.91
C PRO A 41 1.80 -26.55 20.24
N ASP A 42 1.54 -27.17 19.08
CA ASP A 42 2.56 -27.95 18.41
C ASP A 42 3.32 -27.11 17.38
N ILE A 43 3.00 -25.83 17.21
CA ILE A 43 3.59 -25.01 16.14
C ILE A 43 4.21 -23.77 16.75
N LYS A 44 5.50 -23.57 16.45
N LYS A 44 5.49 -23.55 16.47
CA LYS A 44 6.27 -22.40 16.84
CA LYS A 44 6.16 -22.32 16.87
C LYS A 44 6.46 -21.58 15.58
C LYS A 44 6.49 -21.58 15.61
N VAL A 45 6.34 -20.26 15.66
CA VAL A 45 6.52 -19.38 14.50
C VAL A 45 7.71 -18.45 14.76
N ASN A 46 8.71 -18.52 13.88
N ASN A 46 8.71 -18.56 13.88
CA ASN A 46 9.92 -17.72 13.98
CA ASN A 46 9.91 -17.75 13.92
C ASN A 46 9.83 -16.63 12.91
C ASN A 46 9.72 -16.64 12.89
N VAL A 47 9.62 -15.40 13.35
CA VAL A 47 9.36 -14.24 12.49
C VAL A 47 10.65 -13.53 12.13
N GLN A 48 10.82 -13.23 10.83
N GLN A 48 10.79 -13.23 10.83
CA GLN A 48 11.88 -12.34 10.36
CA GLN A 48 11.84 -12.36 10.32
C GLN A 48 11.22 -11.16 9.67
C GLN A 48 11.16 -11.15 9.70
N THR A 49 11.60 -9.96 10.10
CA THR A 49 11.08 -8.72 9.56
C THR A 49 12.13 -8.02 8.74
N ILE A 50 11.71 -7.54 7.57
CA ILE A 50 12.54 -6.74 6.68
C ILE A 50 11.78 -5.48 6.33
N ALA A 51 12.46 -4.35 6.32
CA ALA A 51 11.88 -3.08 5.90
C ALA A 51 11.27 -3.21 4.50
N PHE A 52 10.14 -2.54 4.28
CA PHE A 52 9.41 -2.62 3.02
C PHE A 52 10.28 -2.31 1.82
N ASN A 53 11.17 -1.32 1.96
CA ASN A 53 11.97 -0.89 0.80
C ASN A 53 12.92 -1.95 0.28
N ASP A 54 13.35 -2.87 1.16
CA ASP A 54 14.25 -3.97 0.82
C ASP A 54 13.61 -5.36 0.84
N TYR A 55 12.34 -5.44 1.25
CA TYR A 55 11.74 -6.74 1.47
C TYR A 55 11.70 -7.63 0.25
N PHE A 56 11.24 -7.11 -0.89
CA PHE A 56 11.01 -7.99 -2.03
C PHE A 56 12.32 -8.45 -2.67
N THR A 57 13.33 -7.58 -2.68
N THR A 57 13.34 -7.60 -2.72
CA THR A 57 14.63 -7.95 -3.18
CA THR A 57 14.62 -8.07 -3.27
C THR A 57 15.21 -9.06 -2.30
C THR A 57 15.28 -9.06 -2.31
N LYS A 58 15.10 -8.88 -1.00
CA LYS A 58 15.64 -9.82 -0.02
C LYS A 58 14.91 -11.17 -0.10
N LEU A 59 13.58 -11.10 -0.20
CA LEU A 59 12.77 -12.32 -0.25
C LEU A 59 13.11 -13.16 -1.46
N GLN A 60 13.22 -12.49 -2.60
CA GLN A 60 13.52 -13.17 -3.85
C GLN A 60 14.88 -13.85 -3.77
N THR A 61 15.86 -13.19 -3.16
CA THR A 61 17.17 -13.79 -2.99
C THR A 61 17.12 -15.02 -2.09
N GLN A 62 16.43 -14.90 -0.96
CA GLN A 62 16.23 -16.03 -0.05
C GLN A 62 15.63 -17.25 -0.76
N ILE A 63 14.56 -17.00 -1.51
CA ILE A 63 13.88 -18.07 -2.24
C ILE A 63 14.79 -18.66 -3.30
N ALA A 64 15.32 -17.82 -4.18
CA ALA A 64 16.12 -18.31 -5.31
C ALA A 64 17.35 -19.07 -4.86
N GLY A 65 17.90 -18.73 -3.70
CA GLY A 65 19.04 -19.40 -3.11
C GLY A 65 18.74 -20.69 -2.38
N GLY A 66 17.46 -21.10 -2.38
CA GLY A 66 17.02 -22.38 -1.80
C GLY A 66 16.71 -22.43 -0.32
N ASP A 67 16.43 -21.29 0.31
CA ASP A 67 15.98 -21.30 1.71
C ASP A 67 14.78 -20.39 1.87
N ALA A 68 13.73 -20.71 1.12
CA ALA A 68 12.49 -19.97 1.25
C ALA A 68 11.91 -20.08 2.66
N PRO A 69 11.39 -18.97 3.17
CA PRO A 69 10.59 -19.05 4.40
C PRO A 69 9.38 -19.96 4.17
N ASP A 70 8.92 -20.65 5.20
CA ASP A 70 7.74 -21.48 5.04
C ASP A 70 6.52 -20.66 4.68
N ALA A 71 6.36 -19.50 5.31
CA ALA A 71 5.26 -18.61 5.05
C ALA A 71 5.86 -17.24 4.82
N PHE A 72 5.28 -16.43 3.93
CA PHE A 72 5.80 -15.09 3.72
C PHE A 72 4.72 -14.17 3.20
N GLU A 73 4.89 -12.92 3.57
CA GLU A 73 3.97 -11.85 3.22
C GLU A 73 4.19 -11.39 1.78
N LEU A 74 3.09 -11.08 1.10
CA LEU A 74 3.12 -10.48 -0.26
C LEU A 74 2.08 -9.41 -0.27
N ASN A 75 2.37 -8.39 -1.06
CA ASN A 75 1.38 -7.35 -1.35
C ASN A 75 0.65 -7.66 -2.65
N TYR A 76 -0.43 -6.92 -2.86
CA TYR A 76 -1.26 -7.11 -4.03
C TYR A 76 -0.42 -6.95 -5.28
N GLU A 77 0.42 -5.93 -5.30
N GLU A 77 0.42 -5.91 -5.28
CA GLU A 77 1.06 -5.61 -6.57
CA GLU A 77 1.22 -5.52 -6.44
C GLU A 77 2.27 -6.48 -6.86
C GLU A 77 2.21 -6.56 -6.86
N THR A 78 2.82 -7.25 -5.91
CA THR A 78 3.91 -8.20 -6.23
C THR A 78 3.41 -9.61 -6.35
N PHE A 79 2.17 -9.87 -5.93
CA PHE A 79 1.65 -11.23 -5.97
C PHE A 79 1.84 -11.94 -7.33
N MET A 80 1.45 -11.32 -8.44
N MET A 80 1.45 -11.31 -8.43
CA MET A 80 1.46 -12.06 -9.69
CA MET A 80 1.49 -11.93 -9.77
C MET A 80 2.88 -12.47 -10.06
C MET A 80 2.90 -12.39 -10.10
N GLN A 81 3.87 -11.64 -9.74
N GLN A 81 3.92 -11.61 -9.73
CA GLN A 81 5.26 -12.00 -9.99
CA GLN A 81 5.29 -12.01 -9.98
C GLN A 81 5.59 -13.33 -9.34
C GLN A 81 5.56 -13.36 -9.36
N TYR A 82 5.18 -13.52 -8.09
CA TYR A 82 5.45 -14.75 -7.34
C TYR A 82 4.60 -15.93 -7.79
N ALA A 83 3.34 -15.66 -8.05
CA ALA A 83 2.43 -16.72 -8.45
C ALA A 83 2.87 -17.28 -9.77
N GLU A 84 3.23 -16.42 -10.72
N GLU A 84 3.18 -16.41 -10.73
CA GLU A 84 3.63 -16.86 -12.04
CA GLU A 84 3.64 -16.84 -12.04
C GLU A 84 5.00 -17.54 -12.10
C GLU A 84 4.92 -17.66 -11.97
N LYS A 85 5.87 -17.21 -11.14
CA LYS A 85 7.18 -17.86 -10.97
C LYS A 85 7.06 -19.28 -10.43
N GLY A 86 5.90 -19.63 -9.86
CA GLY A 86 5.66 -20.96 -9.33
C GLY A 86 6.22 -21.24 -7.95
N VAL A 87 6.51 -20.20 -7.15
CA VAL A 87 7.13 -20.42 -5.85
C VAL A 87 6.11 -20.54 -4.70
N LEU A 88 4.82 -20.40 -5.02
CA LEU A 88 3.76 -20.47 -4.01
C LEU A 88 3.01 -21.79 -4.09
N ALA A 89 2.69 -22.36 -2.93
CA ALA A 89 1.86 -23.54 -2.89
C ALA A 89 0.40 -23.18 -3.25
N ASP A 90 -0.22 -23.99 -4.09
CA ASP A 90 -1.66 -23.90 -4.33
C ASP A 90 -2.38 -24.24 -3.01
N LEU A 91 -3.22 -23.35 -2.54
CA LEU A 91 -3.88 -23.57 -1.26
C LEU A 91 -5.26 -24.19 -1.39
N THR A 92 -5.67 -24.57 -2.60
CA THR A 92 -7.01 -25.10 -2.86
C THR A 92 -7.39 -26.20 -1.89
N SER A 93 -6.53 -27.21 -1.73
CA SER A 93 -6.86 -28.34 -0.85
C SER A 93 -6.95 -27.95 0.62
N TYR A 94 -6.02 -27.08 1.02
CA TYR A 94 -5.88 -26.65 2.40
C TYR A 94 -7.16 -25.92 2.75
N ILE A 95 -7.63 -25.09 1.84
CA ILE A 95 -8.84 -24.30 2.10
C ILE A 95 -10.07 -25.21 2.13
N GLU A 96 -10.16 -26.17 1.20
CA GLU A 96 -11.31 -27.11 1.17
C GLU A 96 -11.44 -27.84 2.50
N LYS A 97 -10.31 -28.23 3.09
CA LYS A 97 -10.29 -28.99 4.34
C LYS A 97 -10.33 -28.16 5.61
N ASP A 98 -10.23 -26.85 5.46
CA ASP A 98 -10.32 -25.93 6.59
C ASP A 98 -11.81 -25.66 6.69
N LYS A 99 -12.50 -26.57 7.38
CA LYS A 99 -13.95 -26.73 7.20
C LYS A 99 -14.80 -25.56 7.62
N ASP A 100 -14.32 -24.88 8.64
CA ASP A 100 -15.00 -23.72 9.17
C ASP A 100 -14.61 -22.41 8.48
N PHE A 101 -13.46 -22.31 7.79
CA PHE A 101 -13.05 -21.07 7.10
C PHE A 101 -14.10 -20.74 6.06
N ASP A 102 -14.56 -19.50 6.11
CA ASP A 102 -15.68 -19.06 5.28
C ASP A 102 -15.22 -17.78 4.59
N PRO A 103 -14.69 -17.89 3.36
CA PRO A 103 -14.23 -16.65 2.72
C PRO A 103 -15.31 -15.62 2.36
N SER A 104 -16.60 -16.00 2.43
CA SER A 104 -17.67 -15.04 2.20
C SER A 104 -17.79 -13.98 3.29
N THR A 105 -17.12 -14.18 4.41
CA THR A 105 -17.06 -13.21 5.48
C THR A 105 -15.92 -12.24 5.37
N LEU A 106 -15.10 -12.40 4.33
CA LEU A 106 -13.94 -11.52 4.13
C LEU A 106 -14.20 -10.49 3.06
N ASN A 107 -13.47 -9.39 3.10
CA ASN A 107 -13.50 -8.45 1.99
C ASN A 107 -13.12 -9.15 0.69
N LYS A 108 -14.02 -9.08 -0.28
CA LYS A 108 -13.84 -9.87 -1.48
C LYS A 108 -12.69 -9.43 -2.38
N GLN A 109 -12.51 -8.13 -2.49
CA GLN A 109 -11.40 -7.61 -3.28
C GLN A 109 -10.06 -8.02 -2.66
N ALA A 110 -9.98 -8.03 -1.35
CA ALA A 110 -8.75 -8.39 -0.67
C ALA A 110 -8.49 -9.88 -0.80
N TYR A 111 -9.54 -10.69 -0.69
CA TYR A 111 -9.38 -12.14 -0.84
C TYR A 111 -8.97 -12.49 -2.27
N ASP A 112 -9.65 -11.86 -3.23
CA ASP A 112 -9.40 -12.14 -4.65
C ASP A 112 -8.02 -11.72 -5.13
N ALA A 113 -7.36 -10.83 -4.40
CA ALA A 113 -6.04 -10.33 -4.78
C ALA A 113 -5.00 -11.43 -4.86
N PHE A 114 -5.27 -12.55 -4.20
CA PHE A 114 -4.30 -13.64 -4.05
C PHE A 114 -4.73 -14.88 -4.79
N LYS A 115 -5.55 -14.67 -5.81
CA LYS A 115 -5.96 -15.73 -6.71
C LYS A 115 -5.21 -15.56 -8.04
N TYR A 116 -4.73 -16.68 -8.56
CA TYR A 116 -4.02 -16.73 -9.83
C TYR A 116 -4.51 -17.96 -10.57
N ASP A 117 -4.90 -17.77 -11.83
CA ASP A 117 -5.41 -18.84 -12.70
C ASP A 117 -6.52 -19.65 -12.00
N GLY A 118 -7.41 -18.94 -11.32
CA GLY A 118 -8.56 -19.56 -10.66
C GLY A 118 -8.28 -20.28 -9.35
N LYS A 119 -7.05 -20.17 -8.82
CA LYS A 119 -6.65 -20.88 -7.61
C LYS A 119 -6.14 -19.88 -6.56
N GLN A 120 -6.45 -20.16 -5.30
CA GLN A 120 -5.99 -19.35 -4.20
C GLN A 120 -4.55 -19.72 -3.84
N TYR A 121 -3.67 -18.73 -3.99
CA TYR A 121 -2.25 -18.92 -3.67
C TYR A 121 -1.77 -18.08 -2.48
N GLY A 122 -2.69 -17.44 -1.80
CA GLY A 122 -2.34 -16.70 -0.58
C GLY A 122 -3.59 -16.55 0.25
N MET A 123 -3.42 -16.38 1.55
CA MET A 123 -4.52 -16.02 2.46
C MET A 123 -4.41 -14.55 2.80
N VAL A 124 -5.53 -13.86 2.59
CA VAL A 124 -5.52 -12.42 2.79
C VAL A 124 -5.38 -12.08 4.26
N GLU A 125 -4.45 -11.19 4.56
CA GLU A 125 -4.08 -10.81 5.93
C GLU A 125 -4.64 -9.46 6.32
N SER A 126 -4.63 -8.52 5.42
CA SER A 126 -5.10 -7.17 5.73
C SER A 126 -5.40 -6.43 4.43
N PHE A 127 -6.14 -5.33 4.54
CA PHE A 127 -6.28 -4.41 3.41
C PHE A 127 -6.20 -2.97 3.92
N SER A 128 -5.96 -2.09 2.97
CA SER A 128 -5.70 -0.68 3.35
C SER A 128 -5.89 0.25 2.18
N ASN A 129 -5.87 1.55 2.48
CA ASN A 129 -5.95 2.60 1.47
C ASN A 129 -5.20 3.81 1.95
N VAL A 130 -5.25 4.82 1.08
CA VAL A 130 -4.54 6.08 1.30
C VAL A 130 -5.55 7.19 1.46
N VAL A 131 -5.23 8.14 2.34
CA VAL A 131 -6.07 9.28 2.63
C VAL A 131 -5.20 10.51 2.70
N THR A 132 -5.86 11.66 2.70
CA THR A 132 -5.14 12.91 3.00
C THR A 132 -5.13 13.08 4.50
N ILE A 133 -3.94 13.12 5.09
CA ILE A 133 -3.77 13.28 6.51
C ILE A 133 -3.34 14.73 6.73
N TYR A 134 -4.02 15.49 7.57
CA TYR A 134 -3.72 16.91 7.65
C TYR A 134 -3.54 17.35 9.08
N ASN A 135 -2.64 18.32 9.22
CA ASN A 135 -2.27 18.95 10.48
C ASN A 135 -3.23 20.10 10.72
N LYS A 136 -4.18 19.90 11.65
CA LYS A 136 -5.21 20.88 11.92
C LYS A 136 -4.63 22.15 12.52
N ASP A 137 -3.54 22.02 13.27
CA ASP A 137 -2.91 23.19 13.92
C ASP A 137 -2.39 24.12 12.82
N LEU A 138 -1.74 23.58 11.79
CA LEU A 138 -1.28 24.41 10.70
C LEU A 138 -2.41 25.07 9.92
N PHE A 139 -3.48 24.32 9.66
CA PHE A 139 -4.64 24.90 8.99
C PHE A 139 -5.22 26.05 9.78
N ASP A 140 -5.37 25.82 11.08
CA ASP A 140 -6.01 26.83 11.96
C ASP A 140 -5.15 28.07 12.06
N LYS A 141 -3.84 27.87 12.19
CA LYS A 141 -2.91 29.00 12.29
C LYS A 141 -3.00 29.91 11.07
N ALA A 142 -3.11 29.31 9.89
CA ALA A 142 -3.22 30.04 8.63
C ALA A 142 -4.63 30.51 8.29
N GLY A 143 -5.64 30.05 9.01
CA GLY A 143 -7.02 30.35 8.67
C GLY A 143 -7.51 29.70 7.39
N VAL A 144 -7.03 28.50 7.12
CA VAL A 144 -7.43 27.71 5.97
C VAL A 144 -8.45 26.66 6.38
N GLU A 145 -9.53 26.57 5.63
CA GLU A 145 -10.54 25.53 5.90
C GLU A 145 -10.00 24.13 5.58
N TYR A 146 -10.42 23.16 6.38
CA TYR A 146 -9.94 21.78 6.27
C TYR A 146 -10.36 21.13 4.94
N PRO A 147 -9.58 20.14 4.49
CA PRO A 147 -10.02 19.37 3.32
C PRO A 147 -11.43 18.80 3.45
N THR A 148 -12.15 18.76 2.34
CA THR A 148 -13.46 18.15 2.28
C THR A 148 -13.39 17.05 1.23
N ALA A 149 -14.38 16.18 1.30
CA ALA A 149 -14.52 15.05 0.41
C ALA A 149 -14.96 15.50 -0.99
N ASP A 150 -15.34 16.76 -1.17
CA ASP A 150 -15.63 17.19 -2.52
C ASP A 150 -14.67 18.21 -3.07
N TRP A 151 -13.54 18.37 -2.39
CA TRP A 151 -12.45 19.06 -3.05
C TRP A 151 -12.06 18.37 -4.36
N THR A 152 -11.60 19.19 -5.30
CA THR A 152 -10.84 18.71 -6.43
C THR A 152 -9.40 19.16 -6.27
N TRP A 153 -8.54 18.73 -7.19
CA TRP A 153 -7.11 19.13 -7.12
C TRP A 153 -6.94 20.62 -6.89
N LYS A 154 -7.73 21.46 -7.54
CA LYS A 154 -7.50 22.88 -7.42
C LYS A 154 -7.73 23.39 -6.00
N ASP A 155 -8.64 22.79 -5.25
CA ASP A 155 -8.85 23.19 -3.84
C ASP A 155 -7.66 22.80 -2.99
N GLU A 156 -7.10 21.63 -3.19
N GLU A 156 -7.14 21.60 -3.22
CA GLU A 156 -5.93 21.29 -2.42
CA GLU A 156 -5.92 21.09 -2.58
C GLU A 156 -4.70 22.08 -2.85
C GLU A 156 -4.77 22.05 -2.87
N GLU A 157 -4.58 22.42 -4.13
CA GLU A 157 -3.45 23.24 -4.54
C GLU A 157 -3.55 24.62 -3.94
N ALA A 158 -4.72 25.23 -3.92
CA ALA A 158 -4.86 26.56 -3.36
C ALA A 158 -4.60 26.53 -1.86
N ALA A 159 -5.11 25.52 -1.16
CA ALA A 159 -4.87 25.35 0.27
C ALA A 159 -3.40 25.17 0.51
N ALA A 160 -2.76 24.30 -0.27
CA ALA A 160 -1.33 24.05 -0.11
C ALA A 160 -0.52 25.31 -0.32
N LYS A 161 -0.88 26.15 -1.27
CA LYS A 161 -0.16 27.39 -1.48
C LYS A 161 -0.30 28.30 -0.28
N LYS A 162 -1.48 28.46 0.29
CA LYS A 162 -1.66 29.32 1.44
C LYS A 162 -1.01 28.76 2.71
N LEU A 163 -0.78 27.45 2.76
CA LEU A 163 -0.19 26.80 3.91
C LEU A 163 1.32 26.69 3.82
N THR A 164 1.90 27.01 2.68
CA THR A 164 3.38 26.98 2.56
C THR A 164 3.97 28.23 3.15
N ASP A 165 4.97 28.05 4.01
CA ASP A 165 5.66 29.14 4.69
C ASP A 165 7.14 28.84 4.59
N ALA A 166 7.70 29.27 3.47
CA ALA A 166 9.04 28.83 3.08
C ALA A 166 10.09 29.17 4.11
N LYS A 167 10.03 30.35 4.73
CA LYS A 167 11.09 30.69 5.68
C LYS A 167 11.12 29.81 6.91
N ASN A 168 9.96 29.24 7.26
CA ASN A 168 9.85 28.37 8.40
C ASN A 168 9.87 26.90 8.07
N LYS A 169 10.21 26.58 6.82
CA LYS A 169 10.34 25.21 6.37
C LYS A 169 9.06 24.42 6.52
N VAL A 170 7.95 25.10 6.22
CA VAL A 170 6.64 24.43 6.23
C VAL A 170 6.12 24.36 4.80
N TRP A 171 5.75 23.16 4.40
CA TRP A 171 5.13 22.93 3.10
C TRP A 171 3.67 22.60 3.24
N GLY A 172 2.88 23.05 2.27
CA GLY A 172 1.45 22.79 2.27
C GLY A 172 1.05 21.35 2.00
N THR A 173 1.85 20.63 1.22
CA THR A 173 1.45 19.26 0.86
C THR A 173 2.63 18.37 0.58
N SER A 174 2.39 17.08 0.59
CA SER A 174 3.40 16.12 0.17
C SER A 174 2.65 14.88 -0.32
N GLN A 175 3.10 14.38 -1.45
CA GLN A 175 2.48 13.22 -2.10
C GLN A 175 3.56 12.53 -2.92
N PRO A 176 3.59 11.20 -2.88
CA PRO A 176 4.63 10.52 -3.69
C PRO A 176 4.43 10.75 -5.19
N VAL A 177 5.53 10.87 -5.90
CA VAL A 177 5.54 10.93 -7.36
C VAL A 177 6.21 9.65 -7.84
N THR A 178 5.44 8.58 -7.83
CA THR A 178 5.89 7.23 -8.06
C THR A 178 4.88 6.51 -8.94
N MET A 179 5.28 5.38 -9.51
CA MET A 179 4.34 4.56 -10.26
C MET A 179 3.15 4.17 -9.42
N ASN A 180 3.39 3.79 -8.15
CA ASN A 180 2.27 3.34 -7.32
C ASN A 180 1.29 4.45 -7.06
N GLU A 181 1.80 5.66 -6.87
CA GLU A 181 0.86 6.78 -6.66
C GLU A 181 0.18 7.15 -7.97
N PHE A 182 0.94 7.04 -9.06
CA PHE A 182 0.47 7.57 -10.34
C PHE A 182 -0.65 6.79 -10.95
N TYR A 183 -0.76 5.47 -10.74
CA TYR A 183 -1.91 4.83 -11.39
C TYR A 183 -3.20 5.38 -10.78
N LYS A 184 -3.18 5.75 -9.50
CA LYS A 184 -4.31 6.43 -8.87
C LYS A 184 -4.51 7.86 -9.36
N VAL A 185 -3.46 8.65 -9.35
CA VAL A 185 -3.58 10.07 -9.75
C VAL A 185 -3.96 10.18 -11.23
N ALA A 186 -3.42 9.30 -12.06
CA ALA A 186 -3.89 9.23 -13.46
C ALA A 186 -5.38 8.97 -13.56
N ALA A 187 -5.85 8.02 -12.75
CA ALA A 187 -7.29 7.71 -12.74
C ALA A 187 -8.14 8.86 -12.26
N GLN A 188 -7.60 9.71 -11.40
CA GLN A 188 -8.31 10.93 -11.01
C GLN A 188 -8.54 11.95 -12.14
N ASN A 189 -7.85 11.74 -13.26
CA ASN A 189 -8.00 12.53 -14.47
C ASN A 189 -8.47 11.69 -15.65
N GLY A 190 -9.03 10.51 -15.38
CA GLY A 190 -9.63 9.67 -16.42
C GLY A 190 -8.63 8.85 -17.19
N GLY A 191 -7.40 8.80 -16.70
CA GLY A 191 -6.30 8.05 -17.35
C GLY A 191 -6.10 6.66 -16.78
N SER A 192 -5.16 5.94 -17.37
N SER A 192 -5.18 5.95 -17.42
CA SER A 192 -4.83 4.62 -16.88
CA SER A 192 -4.90 4.56 -17.16
C SER A 192 -3.44 4.26 -17.35
C SER A 192 -3.39 4.32 -17.25
N ILE A 193 -2.96 3.15 -16.81
CA ILE A 193 -1.62 2.67 -17.14
C ILE A 193 -1.76 1.64 -18.25
N PHE A 194 -2.65 0.68 -18.17
CA PHE A 194 -2.82 -0.35 -19.21
C PHE A 194 -4.23 -0.35 -19.75
N ASN A 195 -4.40 -0.94 -20.92
CA ASN A 195 -5.72 -1.30 -21.41
C ASN A 195 -6.31 -2.47 -20.63
N GLU A 196 -7.55 -2.87 -20.96
CA GLU A 196 -8.26 -3.79 -20.09
C GLU A 196 -7.66 -5.18 -20.00
N ASP A 197 -7.04 -5.61 -21.08
CA ASP A 197 -6.42 -6.93 -21.15
C ASP A 197 -4.90 -6.95 -21.08
N LEU A 198 -4.31 -5.82 -20.70
N LEU A 198 -4.34 -5.83 -20.61
CA LEU A 198 -2.89 -5.79 -20.39
CA LEU A 198 -2.93 -5.60 -20.34
C LEU A 198 -2.05 -6.12 -21.60
C LEU A 198 -2.01 -5.90 -21.52
N THR A 199 -2.44 -5.59 -22.74
CA THR A 199 -1.70 -5.74 -23.98
C THR A 199 -1.14 -4.43 -24.56
N GLU A 200 -1.48 -3.31 -23.95
CA GLU A 200 -0.93 -2.01 -24.33
C GLU A 200 -0.86 -1.15 -23.09
N THR A 201 0.00 -0.13 -23.12
CA THR A 201 0.01 0.91 -22.11
C THR A 201 -0.45 2.22 -22.72
N THR A 202 -1.23 2.97 -21.95
CA THR A 202 -1.61 4.34 -22.31
C THR A 202 -1.06 5.29 -21.26
N ILE A 203 0.09 4.96 -20.66
CA ILE A 203 0.65 5.75 -19.57
C ILE A 203 0.98 7.18 -19.98
N ASN A 204 1.28 7.39 -21.25
CA ASN A 204 1.62 8.69 -21.80
C ASN A 204 0.45 9.43 -22.46
N SER A 205 -0.77 9.12 -22.07
CA SER A 205 -1.91 9.93 -22.56
C SER A 205 -1.82 11.39 -22.14
N PRO A 206 -2.51 12.30 -22.86
CA PRO A 206 -2.50 13.70 -22.47
C PRO A 206 -3.08 13.97 -21.11
N GLU A 207 -4.12 13.21 -20.72
CA GLU A 207 -4.67 13.41 -19.39
C GLU A 207 -3.64 12.98 -18.36
N ASN A 208 -2.81 11.99 -18.68
CA ASN A 208 -1.78 11.55 -17.74
C ASN A 208 -0.64 12.54 -17.67
N VAL A 209 -0.28 13.20 -18.76
CA VAL A 209 0.70 14.27 -18.68
C VAL A 209 0.16 15.33 -17.76
N GLU A 210 -1.11 15.70 -17.86
CA GLU A 210 -1.66 16.72 -16.96
C GLU A 210 -1.61 16.26 -15.52
N ALA A 211 -1.94 14.99 -15.27
CA ALA A 211 -1.95 14.44 -13.90
C ALA A 211 -0.58 14.45 -13.29
N LEU A 212 0.43 14.01 -14.07
CA LEU A 212 1.80 14.05 -13.56
C LEU A 212 2.29 15.45 -13.32
N THR A 213 1.95 16.35 -14.25
CA THR A 213 2.32 17.75 -14.08
C THR A 213 1.69 18.35 -12.84
N HIS A 214 0.47 17.95 -12.49
CA HIS A 214 -0.16 18.40 -11.27
C HIS A 214 0.71 18.03 -10.07
N LEU A 215 1.24 16.80 -10.03
CA LEU A 215 2.15 16.38 -8.95
C LEU A 215 3.51 17.08 -9.00
N THR A 216 4.15 17.11 -10.18
CA THR A 216 5.53 17.61 -10.21
C THR A 216 5.59 19.12 -10.03
N ASN A 217 4.59 19.84 -10.53
CA ASN A 217 4.62 21.29 -10.35
C ASN A 217 4.54 21.68 -8.89
N GLU A 218 3.91 20.88 -8.04
CA GLU A 218 3.90 21.21 -6.61
C GLU A 218 5.29 21.24 -6.03
N VAL A 219 6.18 20.42 -6.57
CA VAL A 219 7.56 20.40 -6.11
C VAL A 219 8.41 21.44 -6.83
N THR A 220 8.34 21.54 -8.15
CA THR A 220 9.30 22.33 -8.93
C THR A 220 8.88 23.76 -9.22
N ASP A 221 7.58 24.05 -9.16
CA ASP A 221 6.99 25.29 -9.69
C ASP A 221 6.42 26.10 -8.55
N SER A 222 5.33 25.66 -7.94
CA SER A 222 4.74 26.38 -6.82
C SER A 222 5.52 26.11 -5.54
N LYS A 223 6.32 25.04 -5.49
CA LYS A 223 7.15 24.72 -4.34
C LYS A 223 6.36 24.63 -3.04
N VAL A 224 5.20 24.01 -3.15
CA VAL A 224 4.34 23.75 -2.00
C VAL A 224 4.54 22.37 -1.39
N ALA A 225 5.41 21.56 -1.98
CA ALA A 225 5.70 20.19 -1.56
C ALA A 225 7.22 20.04 -1.50
N PRO A 226 7.74 19.33 -0.48
CA PRO A 226 9.19 19.22 -0.36
C PRO A 226 9.79 18.38 -1.51
N SER A 227 10.94 18.79 -2.01
CA SER A 227 11.60 18.09 -3.10
C SER A 227 12.42 16.94 -2.58
N PRO A 228 12.99 16.14 -3.50
CA PRO A 228 13.89 15.09 -3.04
C PRO A 228 15.06 15.62 -2.22
N ALA A 229 15.59 16.75 -2.63
CA ALA A 229 16.66 17.44 -1.87
C ALA A 229 16.15 17.78 -0.46
N ASP A 230 14.94 18.35 -0.36
CA ASP A 230 14.41 18.67 0.96
C ASP A 230 14.21 17.42 1.84
N LEU A 231 13.89 16.29 1.22
CA LEU A 231 13.64 15.03 1.92
C LEU A 231 14.86 14.14 2.06
N SER A 232 16.02 14.57 1.56
N SER A 232 16.00 14.52 1.50
CA SER A 232 17.21 13.73 1.54
CA SER A 232 17.13 13.59 1.45
C SER A 232 17.53 13.20 2.95
C SER A 232 17.53 13.19 2.87
N GLY A 233 17.68 11.88 3.06
CA GLY A 233 18.00 11.30 4.35
C GLY A 233 16.81 11.09 5.25
N GLN A 234 15.61 11.46 4.81
CA GLN A 234 14.39 11.38 5.61
C GLN A 234 13.23 10.84 4.79
N LEU A 235 12.05 10.75 5.39
CA LEU A 235 10.81 10.38 4.72
C LEU A 235 9.78 11.44 4.99
N PRO A 236 8.78 11.58 4.11
CA PRO A 236 7.78 12.61 4.33
C PRO A 236 7.06 12.54 5.67
N GLU A 237 6.77 11.33 6.14
CA GLU A 237 6.11 11.19 7.45
C GLU A 237 6.97 11.76 8.59
N ASP A 238 8.30 11.79 8.42
CA ASP A 238 9.16 12.40 9.44
C ASP A 238 8.99 13.92 9.45
N LEU A 239 8.95 14.51 8.25
CA LEU A 239 8.66 15.96 8.18
C LEU A 239 7.28 16.29 8.73
N PHE A 240 6.32 15.42 8.42
CA PHE A 240 4.96 15.60 8.98
C PHE A 240 4.94 15.57 10.50
N MET A 241 5.62 14.58 11.10
CA MET A 241 5.79 14.54 12.56
C MET A 241 6.49 15.76 13.12
N ASN A 242 7.39 16.37 12.34
CA ASN A 242 8.14 17.56 12.72
C ASN A 242 7.35 18.85 12.46
N GLY A 243 6.05 18.76 12.17
CA GLY A 243 5.25 19.95 11.98
C GLY A 243 5.47 20.69 10.69
N GLN A 244 6.09 20.06 9.69
CA GLN A 244 6.54 20.77 8.49
C GLN A 244 5.64 20.51 7.26
N ILE A 245 4.58 19.72 7.35
CA ILE A 245 3.72 19.40 6.20
C ILE A 245 2.26 19.53 6.61
N ALA A 246 1.50 20.40 5.93
CA ALA A 246 0.10 20.55 6.30
C ALA A 246 -0.79 19.41 5.83
N MET A 247 -0.52 18.83 4.66
CA MET A 247 -1.35 17.75 4.07
C MET A 247 -0.39 16.68 3.56
N LEU A 248 -0.58 15.44 4.00
CA LEU A 248 0.27 14.33 3.62
C LEU A 248 -0.61 13.23 3.01
N HIS A 249 -0.30 12.84 1.79
CA HIS A 249 -1.06 11.74 1.14
C HIS A 249 -0.34 10.43 1.42
N THR A 250 -0.92 9.66 2.32
CA THR A 250 -0.25 8.43 2.76
C THR A 250 -1.25 7.46 3.31
N GLY A 251 -0.74 6.28 3.63
CA GLY A 251 -1.66 5.21 4.02
C GLY A 251 -2.09 5.19 5.46
N ILE A 252 -3.17 4.46 5.67
CA ILE A 252 -3.71 4.25 7.01
C ILE A 252 -2.75 3.44 7.88
N TRP A 253 -1.76 2.80 7.24
CA TRP A 253 -0.68 2.10 7.96
C TRP A 253 0.20 3.02 8.77
N LEU A 254 0.05 4.34 8.60
CA LEU A 254 0.80 5.29 9.44
C LEU A 254 -0.03 5.87 10.58
N PHE A 255 -1.28 5.45 10.74
CA PHE A 255 -2.06 5.96 11.86
C PHE A 255 -1.39 5.62 13.20
N ASP A 256 -0.80 4.44 13.37
CA ASP A 256 -0.12 4.12 14.63
C ASP A 256 1.05 5.08 14.88
N MET A 257 1.91 5.32 13.88
N MET A 257 1.93 5.34 13.89
CA MET A 257 3.03 6.27 14.01
CA MET A 257 3.08 6.26 14.08
C MET A 257 2.56 7.63 14.52
C MET A 257 2.64 7.70 14.38
N PHE A 258 1.44 8.07 13.97
CA PHE A 258 0.97 9.43 14.17
C PHE A 258 0.17 9.59 15.44
N GLN A 259 -0.08 8.54 16.21
CA GLN A 259 -0.85 8.70 17.45
C GLN A 259 -0.22 9.72 18.36
N ASP A 260 1.10 9.82 18.39
CA ASP A 260 1.76 10.77 19.27
C ASP A 260 2.35 11.94 18.50
N ALA A 261 1.76 12.25 17.34
CA ALA A 261 2.11 13.49 16.66
C ALA A 261 1.81 14.64 17.61
N PRO A 262 2.72 15.64 17.72
CA PRO A 262 2.52 16.68 18.72
C PRO A 262 1.66 17.83 18.21
N PHE A 263 0.53 17.53 17.59
CA PHE A 263 -0.42 18.49 17.04
C PHE A 263 -1.72 17.72 16.78
N LYS A 264 -2.81 18.45 16.62
CA LYS A 264 -4.09 17.83 16.22
C LYS A 264 -4.08 17.56 14.72
N TRP A 265 -4.63 16.40 14.33
CA TRP A 265 -4.65 16.00 12.96
C TRP A 265 -5.90 15.21 12.67
N ASP A 266 -6.25 15.16 11.39
CA ASP A 266 -7.42 14.39 10.96
C ASP A 266 -7.18 13.94 9.52
N VAL A 267 -8.17 13.27 8.95
CA VAL A 267 -8.04 12.68 7.62
C VAL A 267 -9.23 12.97 6.75
N GLN A 268 -9.04 12.91 5.45
CA GLN A 268 -10.09 13.13 4.46
C GLN A 268 -9.88 12.25 3.23
N VAL A 269 -10.99 11.94 2.56
CA VAL A 269 -10.91 11.32 1.23
C VAL A 269 -10.10 12.16 0.30
N GLU A 270 -9.18 11.55 -0.45
CA GLU A 270 -8.35 12.34 -1.37
C GLU A 270 -9.16 12.99 -2.50
N ALA A 271 -8.72 14.17 -2.87
CA ALA A 271 -9.34 14.90 -4.00
C ALA A 271 -8.96 14.30 -5.35
N GLY A 272 -9.89 14.28 -6.29
CA GLY A 272 -9.61 13.95 -7.68
C GLY A 272 -9.77 15.16 -8.57
N ASN A 273 -9.86 14.88 -9.85
CA ASN A 273 -10.05 15.94 -10.85
C ASN A 273 -11.28 15.66 -11.67
N THR A 274 -11.18 14.88 -12.73
CA THR A 274 -12.41 14.49 -13.42
C THR A 274 -13.22 13.47 -12.64
N GLN A 275 -12.56 12.74 -11.74
CA GLN A 275 -13.28 11.78 -10.89
C GLN A 275 -12.44 11.47 -9.70
N LYS A 276 -13.10 10.93 -8.68
CA LYS A 276 -12.40 10.42 -7.53
C LYS A 276 -11.74 9.10 -7.87
N ALA A 277 -10.59 8.86 -7.27
CA ALA A 277 -9.93 7.56 -7.38
C ALA A 277 -9.04 7.39 -6.17
N THR A 278 -9.20 6.25 -5.51
CA THR A 278 -8.48 5.98 -4.28
C THR A 278 -7.78 4.64 -4.38
N HIS A 279 -6.71 4.54 -3.63
CA HIS A 279 -5.93 3.29 -3.56
C HIS A 279 -6.70 2.22 -2.82
N PHE A 280 -6.44 0.97 -3.19
CA PHE A 280 -6.81 -0.25 -2.47
C PHE A 280 -5.63 -1.18 -2.50
N PHE A 281 -5.16 -1.49 -1.31
CA PHE A 281 -4.00 -2.38 -1.13
C PHE A 281 -4.42 -3.54 -0.27
N ALA A 282 -3.70 -4.64 -0.40
CA ALA A 282 -3.93 -5.81 0.44
C ALA A 282 -2.69 -6.60 0.62
N ASN A 283 -2.48 -7.13 1.82
CA ASN A 283 -1.39 -8.07 2.07
C ASN A 283 -1.94 -9.46 2.30
N GLY A 284 -1.16 -10.43 1.86
CA GLY A 284 -1.52 -11.85 1.95
C GLY A 284 -0.34 -12.64 2.42
N ILE A 285 -0.59 -13.83 2.90
CA ILE A 285 0.47 -14.75 3.31
C ILE A 285 0.41 -15.95 2.40
N GLY A 286 1.55 -16.21 1.78
CA GLY A 286 1.79 -17.35 0.92
C GLY A 286 2.58 -18.42 1.62
N VAL A 287 2.48 -19.63 1.12
CA VAL A 287 3.21 -20.79 1.66
C VAL A 287 4.20 -21.21 0.58
N SER A 288 5.47 -21.40 0.95
CA SER A 288 6.45 -21.83 -0.03
C SER A 288 6.09 -23.19 -0.65
N LYS A 289 6.15 -23.23 -1.97
CA LYS A 289 5.95 -24.47 -2.69
C LYS A 289 6.87 -25.58 -2.24
N ASP A 290 8.06 -25.25 -1.75
CA ASP A 290 9.03 -26.26 -1.39
C ASP A 290 9.10 -26.57 0.11
N SER A 291 8.23 -25.95 0.90
CA SER A 291 8.22 -26.22 2.33
C SER A 291 7.77 -27.64 2.64
N ASP A 292 8.43 -28.22 3.64
CA ASP A 292 8.07 -29.50 4.24
C ASP A 292 7.05 -29.36 5.37
N LYS A 293 6.56 -28.13 5.58
CA LYS A 293 5.74 -27.81 6.74
C LYS A 293 4.51 -27.02 6.27
N LYS A 294 3.93 -27.46 5.15
CA LYS A 294 2.88 -26.66 4.56
C LYS A 294 1.60 -26.65 5.41
N GLU A 295 1.25 -27.71 6.09
CA GLU A 295 0.05 -27.69 6.90
C GLU A 295 0.19 -26.66 8.02
N ALA A 296 1.32 -26.68 8.71
CA ALA A 296 1.55 -25.73 9.79
C ALA A 296 1.60 -24.29 9.27
N ALA A 297 2.24 -24.06 8.14
CA ALA A 297 2.32 -22.71 7.53
C ALA A 297 0.95 -22.23 7.13
N PHE A 298 0.16 -23.12 6.54
CA PHE A 298 -1.22 -22.81 6.21
C PHE A 298 -2.04 -22.46 7.42
N LYS A 299 -1.85 -23.20 8.52
CA LYS A 299 -2.63 -22.89 9.73
C LYS A 299 -2.30 -21.48 10.22
N PHE A 300 -1.03 -21.11 10.17
CA PHE A 300 -0.66 -19.75 10.55
C PHE A 300 -1.25 -18.73 9.56
N ALA A 301 -1.16 -18.96 8.25
CA ALA A 301 -1.77 -18.08 7.28
C ALA A 301 -3.25 -17.90 7.48
N SER A 302 -3.94 -19.01 7.75
N SER A 302 -3.96 -19.00 7.77
CA SER A 302 -5.37 -19.01 7.98
CA SER A 302 -5.41 -18.92 7.94
C SER A 302 -5.72 -18.23 9.25
C SER A 302 -5.79 -18.28 9.28
N PHE A 303 -4.98 -18.46 10.33
CA PHE A 303 -5.13 -17.69 11.56
C PHE A 303 -5.03 -16.18 11.30
N MET A 304 -3.98 -15.79 10.63
CA MET A 304 -3.74 -14.38 10.36
C MET A 304 -4.86 -13.86 9.50
N SER A 305 -5.46 -14.66 8.63
CA SER A 305 -6.49 -14.19 7.73
C SER A 305 -7.83 -13.96 8.44
N ALA A 306 -8.23 -14.93 9.24
CA ALA A 306 -9.60 -15.05 9.67
C ALA A 306 -9.81 -15.27 11.16
N ASN A 307 -8.78 -15.51 11.95
CA ASN A 307 -9.01 -15.70 13.38
C ASN A 307 -9.51 -14.42 14.04
N GLU A 308 -10.55 -14.52 14.87
CA GLU A 308 -11.18 -13.33 15.46
C GLU A 308 -10.29 -12.64 16.47
N GLU A 309 -9.51 -13.41 17.22
CA GLU A 309 -8.59 -12.80 18.16
C GLU A 309 -7.54 -12.00 17.39
N ALA A 310 -7.02 -12.54 16.29
CA ALA A 310 -6.08 -11.78 15.46
C ALA A 310 -6.72 -10.49 14.94
N ALA A 311 -7.98 -10.57 14.53
CA ALA A 311 -8.69 -9.40 13.98
C ALA A 311 -8.85 -8.37 15.07
N LYS A 312 -9.18 -8.81 16.28
CA LYS A 312 -9.34 -7.84 17.38
C LYS A 312 -8.03 -7.16 17.74
N ILE A 313 -6.91 -7.89 17.70
CA ILE A 313 -5.59 -7.30 17.93
C ILE A 313 -5.29 -6.26 16.86
N ARG A 314 -5.57 -6.62 15.61
CA ARG A 314 -5.30 -5.74 14.50
C ARG A 314 -6.07 -4.43 14.67
N ILE A 315 -7.36 -4.54 14.94
CA ILE A 315 -8.21 -3.40 15.17
C ILE A 315 -7.69 -2.53 16.31
N ASP A 316 -7.39 -3.19 17.42
CA ASP A 316 -6.90 -2.43 18.57
C ASP A 316 -5.64 -1.62 18.31
N ASN A 317 -4.81 -2.12 17.41
CA ASN A 317 -3.55 -1.46 17.06
C ASN A 317 -3.59 -0.59 15.81
N ASN A 318 -4.77 -0.38 15.23
CA ASN A 318 -4.95 0.41 14.01
C ASN A 318 -4.10 -0.11 12.87
N TRP A 319 -3.82 -1.42 12.86
CA TRP A 319 -2.85 -1.99 11.91
C TRP A 319 -3.53 -2.37 10.62
N GLU A 320 -3.76 -1.36 9.78
CA GLU A 320 -4.55 -1.51 8.55
C GLU A 320 -5.94 -2.01 8.96
N LEU A 321 -6.62 -2.80 8.14
CA LEU A 321 -7.92 -3.38 8.43
C LEU A 321 -7.82 -4.88 8.27
N PRO A 322 -8.50 -5.63 9.13
CA PRO A 322 -8.58 -7.08 8.97
C PRO A 322 -9.43 -7.46 7.78
N ALA A 323 -9.19 -8.65 7.29
CA ALA A 323 -10.00 -9.17 6.21
C ALA A 323 -11.48 -9.37 6.54
N THR A 324 -11.77 -9.71 7.79
N THR A 324 -11.77 -9.67 7.81
CA THR A 324 -13.16 -9.93 8.20
CA THR A 324 -13.15 -9.86 8.27
C THR A 324 -13.94 -8.61 8.11
C THR A 324 -13.99 -8.59 8.22
N GLU A 325 -15.15 -8.63 7.57
CA GLU A 325 -16.08 -7.48 7.52
C GLU A 325 -17.11 -7.28 8.65
N ASN A 326 -17.09 -8.16 9.64
CA ASN A 326 -18.08 -8.12 10.72
C ASN A 326 -18.13 -6.74 11.40
N LYS A 327 -19.33 -6.20 11.62
CA LYS A 327 -19.47 -4.83 12.13
C LYS A 327 -19.01 -4.67 13.55
N GLU A 328 -19.16 -5.69 14.39
CA GLU A 328 -18.73 -5.61 15.79
C GLU A 328 -17.22 -5.65 15.85
N ILE A 329 -16.55 -6.42 14.99
CA ILE A 329 -15.10 -6.38 14.92
C ILE A 329 -14.58 -5.01 14.48
N LEU A 330 -15.25 -4.37 13.52
CA LEU A 330 -14.80 -3.07 13.02
C LEU A 330 -15.16 -1.86 13.87
N GLN A 331 -16.17 -1.98 14.70
CA GLN A 331 -16.64 -0.82 15.46
C GLN A 331 -15.55 -0.11 16.26
N PRO A 332 -14.68 -0.81 17.00
CA PRO A 332 -13.65 -0.07 17.75
C PRO A 332 -12.76 0.77 16.84
N TYR A 333 -12.54 0.35 15.58
CA TYR A 333 -11.77 1.17 14.64
C TYR A 333 -12.48 2.47 14.29
N LEU A 334 -13.79 2.41 14.15
CA LEU A 334 -14.58 3.61 13.85
C LEU A 334 -14.61 4.54 15.08
N ASP A 335 -14.52 3.98 16.29
CA ASP A 335 -14.63 4.78 17.49
C ASP A 335 -13.29 5.30 17.99
N ALA A 336 -12.22 4.75 17.47
CA ALA A 336 -10.88 5.13 17.88
C ALA A 336 -10.48 6.49 17.31
N THR A 337 -9.66 7.18 18.08
CA THR A 337 -9.18 8.52 17.67
C THR A 337 -7.80 8.78 18.30
N PRO A 338 -6.91 9.52 17.65
CA PRO A 338 -7.03 10.13 16.34
C PRO A 338 -6.85 9.09 15.22
N PRO A 339 -7.25 9.40 14.00
CA PRO A 339 -7.98 10.62 13.63
C PRO A 339 -9.47 10.43 13.93
N ASP A 340 -10.20 11.53 14.05
CA ASP A 340 -11.65 11.45 14.26
C ASP A 340 -12.41 10.92 13.07
N ASN A 341 -12.01 11.32 11.85
CA ASN A 341 -12.83 11.02 10.67
C ASN A 341 -12.50 9.66 10.08
N ARG A 342 -12.62 8.62 10.92
CA ARG A 342 -12.41 7.25 10.51
C ARG A 342 -13.32 6.85 9.34
N GLU A 343 -14.51 7.46 9.24
CA GLU A 343 -15.39 7.14 8.12
C GLU A 343 -14.76 7.45 6.78
N ALA A 344 -13.83 8.39 6.69
CA ALA A 344 -13.17 8.65 5.41
C ALA A 344 -12.49 7.41 4.85
N VAL A 345 -11.99 6.52 5.71
CA VAL A 345 -11.33 5.31 5.25
C VAL A 345 -12.32 4.44 4.49
N PHE A 346 -13.51 4.29 5.05
CA PHE A 346 -14.53 3.45 4.40
C PHE A 346 -15.20 4.18 3.25
N GLU A 347 -15.43 5.48 3.37
CA GLU A 347 -16.01 6.24 2.24
C GLU A 347 -15.11 6.11 1.01
N SER A 348 -13.79 6.07 1.20
CA SER A 348 -12.85 5.99 0.09
C SER A 348 -13.02 4.72 -0.73
N LEU A 349 -13.53 3.64 -0.15
CA LEU A 349 -13.65 2.37 -0.88
C LEU A 349 -14.58 2.45 -2.06
N GLN A 350 -15.53 3.37 -2.07
CA GLN A 350 -16.40 3.54 -3.24
C GLN A 350 -15.62 3.85 -4.52
N TYR A 351 -14.50 4.55 -4.37
CA TYR A 351 -13.77 5.09 -5.51
C TYR A 351 -12.50 4.33 -5.78
N MET A 352 -12.35 3.14 -5.25
CA MET A 352 -11.10 2.41 -5.34
C MET A 352 -10.72 2.07 -6.77
N VAL A 353 -9.42 2.05 -7.00
N VAL A 353 -9.41 2.07 -7.02
CA VAL A 353 -8.83 1.51 -8.22
CA VAL A 353 -8.75 1.58 -8.23
C VAL A 353 -7.79 0.46 -7.83
C VAL A 353 -7.90 0.42 -7.70
N LEU A 354 -7.98 -0.74 -8.34
CA LEU A 354 -7.13 -1.87 -8.00
C LEU A 354 -5.75 -1.68 -8.63
N PRO A 355 -4.69 -2.21 -7.99
CA PRO A 355 -3.39 -2.21 -8.66
C PRO A 355 -3.41 -2.96 -9.99
N PRO A 356 -2.71 -2.47 -11.01
CA PRO A 356 -2.52 -3.32 -12.18
C PRO A 356 -1.87 -4.64 -11.74
N VAL A 357 -2.29 -5.74 -12.35
CA VAL A 357 -1.79 -7.08 -12.02
C VAL A 357 -0.93 -7.59 -13.16
N VAL A 358 0.38 -7.40 -13.01
CA VAL A 358 1.35 -7.77 -14.05
C VAL A 358 2.58 -8.32 -13.37
N LYS A 359 3.20 -9.33 -13.95
CA LYS A 359 4.38 -9.94 -13.35
C LYS A 359 5.59 -9.02 -13.22
N ASP A 360 5.68 -7.96 -14.03
CA ASP A 360 6.85 -7.09 -14.05
C ASP A 360 6.58 -5.81 -13.30
N TRP A 361 5.61 -5.75 -12.40
CA TRP A 361 5.25 -4.49 -11.77
C TRP A 361 6.40 -3.81 -11.06
N ASN A 362 7.13 -4.52 -10.21
CA ASN A 362 8.20 -3.87 -9.46
C ASN A 362 9.31 -3.38 -10.38
N LYS A 363 9.62 -4.12 -11.43
CA LYS A 363 10.65 -3.74 -12.39
C LYS A 363 10.24 -2.50 -13.17
N ILE A 364 9.02 -2.48 -13.70
N ILE A 364 9.02 -2.51 -13.69
CA ILE A 364 8.56 -1.30 -14.43
CA ILE A 364 8.46 -1.36 -14.38
C ILE A 364 8.43 -0.11 -13.47
C ILE A 364 8.40 -0.14 -13.48
N SER A 365 8.05 -0.36 -12.22
CA SER A 365 7.96 0.71 -11.24
C SER A 365 9.32 1.33 -10.95
N ASP A 366 10.33 0.51 -10.83
CA ASP A 366 11.65 1.06 -10.58
C ASP A 366 12.07 2.01 -11.71
N TYR A 367 11.85 1.59 -12.95
CA TYR A 367 12.24 2.46 -14.08
C TYR A 367 11.46 3.77 -14.09
N THR A 368 10.15 3.66 -13.96
CA THR A 368 9.28 4.82 -13.97
C THR A 368 9.61 5.74 -12.81
N ASN A 369 9.89 5.17 -11.65
CA ASN A 369 10.20 5.99 -10.49
C ASN A 369 11.48 6.79 -10.70
N SER A 370 12.45 6.18 -11.38
N SER A 370 12.45 6.20 -11.38
CA SER A 370 13.68 6.91 -11.69
CA SER A 370 13.66 6.96 -11.69
C SER A 370 13.35 8.07 -12.65
C SER A 370 13.41 8.07 -12.71
N GLU A 371 12.51 7.85 -13.66
CA GLU A 371 12.12 8.92 -14.59
C GLU A 371 11.40 10.04 -13.86
N PHE A 372 10.50 9.70 -12.93
CA PHE A 372 9.78 10.70 -12.20
C PHE A 372 10.70 11.50 -11.29
N GLU A 373 11.65 10.86 -10.63
CA GLU A 373 12.62 11.54 -9.81
C GLU A 373 13.39 12.57 -10.62
N LYS A 374 13.74 12.21 -11.84
CA LYS A 374 14.46 13.16 -12.70
C LYS A 374 13.61 14.39 -12.94
N VAL A 375 12.29 14.28 -13.08
CA VAL A 375 11.50 15.50 -13.24
C VAL A 375 11.57 16.34 -11.98
N LEU A 376 11.45 15.68 -10.85
CA LEU A 376 11.49 16.43 -9.57
C LEU A 376 12.79 17.13 -9.29
N ASN A 377 13.89 16.61 -9.84
CA ASN A 377 15.21 17.19 -9.64
C ASN A 377 15.57 18.18 -10.73
N GLY A 378 14.67 18.43 -11.68
CA GLY A 378 15.00 19.39 -12.72
C GLY A 378 15.88 18.85 -13.81
N ASP A 379 15.85 17.53 -14.04
CA ASP A 379 16.61 16.88 -15.11
C ASP A 379 15.73 16.44 -16.23
N SER A 380 14.42 16.51 -16.09
CA SER A 380 13.52 16.04 -17.12
C SER A 380 12.20 16.78 -17.02
N THR A 381 11.22 16.33 -17.79
CA THR A 381 9.88 16.92 -17.81
C THR A 381 8.82 15.84 -17.76
N PRO A 382 7.57 16.19 -17.35
CA PRO A 382 6.54 15.16 -17.29
C PRO A 382 6.34 14.44 -18.61
N GLU A 383 6.33 15.15 -19.74
CA GLU A 383 6.10 14.47 -21.01
C GLU A 383 7.25 13.51 -21.30
N LYS A 384 8.50 13.90 -21.05
CA LYS A 384 9.60 13.00 -21.35
C LYS A 384 9.57 11.78 -20.44
N ALA A 385 9.25 11.98 -19.17
CA ALA A 385 9.16 10.88 -18.25
C ALA A 385 8.13 9.85 -18.68
N LEU A 386 6.97 10.32 -19.13
CA LEU A 386 5.91 9.43 -19.56
C LEU A 386 6.22 8.76 -20.87
N LYS A 387 6.85 9.47 -21.82
CA LYS A 387 7.29 8.85 -23.07
C LYS A 387 8.27 7.75 -22.76
N ASN A 388 9.26 8.04 -21.93
CA ASN A 388 10.27 7.02 -21.59
C ASN A 388 9.66 5.82 -20.88
N SER A 389 8.71 6.09 -20.00
N SER A 389 8.71 6.08 -19.99
CA SER A 389 8.02 5.02 -19.30
CA SER A 389 8.00 5.01 -19.30
C SER A 389 7.18 4.17 -20.25
C SER A 389 7.20 4.15 -20.28
N GLU A 390 6.51 4.78 -21.23
CA GLU A 390 5.77 4.04 -22.25
C GLU A 390 6.73 3.15 -23.05
N ASP A 391 7.85 3.69 -23.49
CA ASP A 391 8.84 2.88 -24.22
C ASP A 391 9.36 1.71 -23.43
N ASN A 392 9.63 1.95 -22.15
CA ASN A 392 10.19 0.88 -21.32
C ASN A 392 9.15 -0.22 -21.06
N ILE A 393 7.90 0.17 -20.81
CA ILE A 393 6.83 -0.82 -20.64
C ILE A 393 6.65 -1.63 -21.92
N ASN A 394 6.63 -0.97 -23.07
CA ASN A 394 6.47 -1.68 -24.34
C ASN A 394 7.56 -2.71 -24.54
N LYS A 395 8.81 -2.33 -24.25
CA LYS A 395 9.92 -3.29 -24.41
C LYS A 395 9.88 -4.40 -23.39
N THR A 396 9.62 -4.07 -22.14
CA THR A 396 9.60 -5.07 -21.08
C THR A 396 8.49 -6.10 -21.31
N MET A 397 7.32 -5.65 -21.75
CA MET A 397 6.15 -6.52 -21.86
C MET A 397 5.84 -7.00 -23.26
N GLY A 398 6.61 -6.53 -24.23
CA GLY A 398 6.52 -7.03 -25.60
C GLY A 398 5.29 -6.56 -26.34
N PHE A 399 4.86 -5.32 -26.11
CA PHE A 399 3.62 -4.83 -26.68
C PHE A 399 3.72 -4.46 -28.15
N LYS A 400 2.65 -4.71 -28.88
CA LYS A 400 2.59 -4.55 -30.34
C LYS A 400 1.93 -3.25 -30.77
C1 GLC B . 3.55 2.19 -1.49
C2 GLC B . 4.50 3.12 -0.74
C3 GLC B . 3.68 4.03 0.17
C4 GLC B . 2.66 4.79 -0.65
C5 GLC B . 1.84 3.84 -1.55
C6 GLC B . 0.98 4.56 -2.59
O2 GLC B . 5.48 2.38 0.00
O3 GLC B . 4.62 4.94 0.78
O4 GLC B . 1.72 5.47 0.21
O5 GLC B . 2.65 2.94 -2.30
O6 GLC B . 1.81 5.35 -3.42
C1 GLC B . 4.17 5.57 1.98
C2 GLC B . 5.02 6.81 2.13
C3 GLC B . 6.45 6.49 2.49
C4 GLC B . 6.52 5.51 3.66
C5 GLC B . 5.67 4.29 3.38
C6 GLC B . 5.60 3.48 4.66
O2 GLC B . 4.97 7.62 0.94
O3 GLC B . 7.27 7.61 2.70
O4 GLC B . 7.86 5.17 3.95
O5 GLC B . 4.32 4.69 3.12
O6 GLC B . 4.82 2.28 4.53
C1 GLC B . 5.55 1.19 3.95
C1 GLC B . 5.54 1.18 3.95
C2 GLC B . 4.60 0.46 3.03
C2 GLC B . 4.59 0.45 3.02
C3 GLC B . 3.48 -0.24 3.78
C3 GLC B . 3.51 -0.29 3.80
C4 GLC B . 4.11 -1.16 4.82
C4 GLC B . 4.12 -1.18 4.86
C5 GLC B . 4.96 -0.30 5.77
C5 GLC B . 5.09 -0.39 5.74
C6 GLC B . 5.57 -1.11 6.90
C6 GLC B . 5.83 -1.29 6.72
O2 GLC B . 4.07 1.38 2.08
O2 GLC B . 3.99 1.40 2.14
O3 GLC B . 2.77 -1.10 2.90
O3 GLC B . 2.76 -1.15 2.93
O4 GLC B . 3.10 -1.90 5.52
O4 GLC B . 3.08 -1.76 5.65
O5 GLC B . 5.99 0.32 5.00
O5 GLC B . 6.05 0.28 4.93
O6 GLC B . 6.58 -1.95 6.33
O6 GLC B . 6.68 -0.47 7.52
C1 GLC B . 1.49 -0.66 2.51
C2 GLC B . 0.57 -1.86 2.37
C3 GLC B . 0.99 -2.69 1.16
C4 GLC B . 1.11 -1.80 -0.08
C5 GLC B . 2.06 -0.65 0.19
C6 GLC B . 2.13 0.34 -0.97
O2 GLC B . 0.63 -2.63 3.57
O3 GLC B . -0.01 -3.67 0.95
O4 GLC B . 1.67 -2.60 -1.13
O5 GLC B . 1.58 0.11 1.32
O6 GLC B . 2.93 1.44 -0.45
#